data_2MN0
#
_entry.id   2MN0
#
_entity_poly.entity_id   1
_entity_poly.type   'polyribonucleotide'
_entity_poly.pdbx_seq_one_letter_code
;GGAGAG(H2U)GGAACUCC
;
_entity_poly.pdbx_strand_id   A
#